data_6PBK
#
_entry.id   6PBK
#
_cell.length_a   120.038
_cell.length_b   120.038
_cell.length_c   152.138
_cell.angle_alpha   90.00
_cell.angle_beta   90.00
_cell.angle_gamma   120.00
#
_symmetry.space_group_name_H-M   'P 61'
#
loop_
_entity.id
_entity.type
_entity.pdbx_description
1 polymer 'Saci FlaG soluble domain'
2 polymer 'Conserved flagellar protein F'
3 non-polymer DI(HYDROXYETHYL)ETHER
4 non-polymer 'SODIUM ION'
5 non-polymer 1,2-ETHANEDIOL
6 non-polymer IMIDAZOLE
7 water water
#
loop_
_entity_poly.entity_id
_entity_poly.type
_entity_poly.pdbx_seq_one_letter_code
_entity_poly.pdbx_strand_id
1 'polypeptide(L)'
;MGSSHHHHHHSQDPNSISTTMSSYSIQQSQKMLTQLQIDYATNTSSNTVVAYLHNVGETTISYLQNSVVYFGPNGQLQPV
GYNSGSSPYWTVTSNSLQPGSKVKIIIYLSSPLSSNQYYTIQIVTPNGYTVSYMF
;
A,C
2 'polypeptide(L)'
;MGSSHHHHHHSQDPNSNQAQELNHELELEQLETKITVSSVSLTGSTLNVVLENNGSTNLYDFQGFSVIVQYYANISNIST
FNLSLYNYTKNSNPSPYYWTINTPLLAPGSQATLTIILPYPPYPNTQATVVIVTNYGPSVIWRGSL
;
B,D
#
loop_
_chem_comp.id
_chem_comp.type
_chem_comp.name
_chem_comp.formula
EDO non-polymer 1,2-ETHANEDIOL 'C2 H6 O2'
IMD non-polymer IMIDAZOLE 'C3 H5 N2 1'
NA non-polymer 'SODIUM ION' 'Na 1'
PEG non-polymer DI(HYDROXYETHYL)ETHER 'C4 H10 O3'
#
# COMPACT_ATOMS: atom_id res chain seq x y z
N MET A 21 42.69 -2.89 -1.55
CA MET A 21 41.91 -2.82 -0.31
C MET A 21 40.54 -3.50 -0.51
N SER A 22 40.40 -4.70 0.07
CA SER A 22 39.27 -5.59 -0.15
C SER A 22 38.87 -6.17 1.21
N SER A 23 37.62 -5.89 1.64
CA SER A 23 37.15 -6.15 3.01
C SER A 23 35.82 -6.91 2.97
N TYR A 24 35.70 -7.96 3.81
CA TYR A 24 34.48 -8.77 3.91
C TYR A 24 34.17 -9.10 5.37
N SER A 25 32.90 -8.94 5.76
CA SER A 25 32.44 -9.31 7.11
C SER A 25 32.05 -10.79 7.13
N ILE A 26 32.54 -11.53 8.15
CA ILE A 26 32.31 -12.97 8.36
C ILE A 26 33.20 -13.76 7.38
N GLN A 27 32.76 -14.96 6.96
CA GLN A 27 33.36 -15.76 5.89
C GLN A 27 32.55 -17.04 5.66
N GLN A 28 32.58 -17.58 4.43
CA GLN A 28 32.02 -18.89 4.10
C GLN A 28 33.00 -20.03 4.35
N SER A 29 34.19 -19.73 4.87
CA SER A 29 35.15 -20.77 5.22
C SER A 29 34.93 -21.31 6.61
N GLN A 30 34.19 -20.60 7.43
CA GLN A 30 34.04 -20.88 8.86
C GLN A 30 32.64 -21.40 9.12
N LYS A 31 32.52 -22.70 9.37
CA LYS A 31 31.20 -23.25 9.60
C LYS A 31 31.24 -24.15 10.82
N MET A 32 30.05 -24.47 11.34
CA MET A 32 29.86 -25.37 12.47
C MET A 32 28.74 -26.34 12.13
N LEU A 33 28.49 -27.30 13.02
CA LEU A 33 27.49 -28.32 12.78
C LEU A 33 26.10 -27.81 13.10
N THR A 34 25.16 -28.00 12.18
CA THR A 34 23.79 -27.62 12.40
C THR A 34 23.01 -28.84 12.82
N GLN A 35 22.23 -28.71 13.87
CA GLN A 35 21.30 -29.75 14.25
C GLN A 35 19.85 -29.30 14.14
N LEU A 36 19.59 -28.00 14.14
CA LEU A 36 18.24 -27.45 14.11
C LEU A 36 18.28 -26.16 13.30
N GLN A 37 17.24 -25.91 12.51
CA GLN A 37 17.22 -24.70 11.72
C GLN A 37 15.78 -24.36 11.34
N ILE A 38 15.51 -23.06 11.22
CA ILE A 38 14.27 -22.56 10.65
C ILE A 38 14.45 -22.49 9.14
N ASP A 39 13.71 -23.32 8.40
CA ASP A 39 13.87 -23.37 6.95
C ASP A 39 13.37 -22.10 6.29
N TYR A 40 12.36 -21.46 6.87
CA TYR A 40 11.71 -20.30 6.27
C TYR A 40 10.71 -19.74 7.26
N ALA A 41 10.57 -18.42 7.27
CA ALA A 41 9.59 -17.77 8.14
C ALA A 41 9.16 -16.47 7.49
N THR A 42 7.90 -16.11 7.69
CA THR A 42 7.34 -14.91 7.08
C THR A 42 5.99 -14.67 7.71
N ASN A 43 5.48 -13.44 7.56
CA ASN A 43 4.14 -13.18 8.04
C ASN A 43 3.15 -13.65 6.97
N THR A 44 2.05 -14.26 7.41
CA THR A 44 0.97 -14.70 6.55
C THR A 44 -0.22 -13.75 6.56
N SER A 45 -0.18 -12.70 7.37
CA SER A 45 -1.21 -11.67 7.43
C SER A 45 -0.60 -10.51 8.22
N SER A 46 -1.42 -9.55 8.62
CA SER A 46 -0.87 -8.45 9.41
C SER A 46 -0.62 -8.84 10.86
N ASN A 47 -1.25 -9.91 11.34
CA ASN A 47 -1.18 -10.26 12.75
C ASN A 47 -0.69 -11.70 12.99
N THR A 48 -0.22 -12.41 11.96
CA THR A 48 0.20 -13.81 12.11
C THR A 48 1.52 -14.08 11.42
N VAL A 49 2.34 -14.91 12.04
CA VAL A 49 3.68 -15.24 11.56
C VAL A 49 3.79 -16.76 11.53
N VAL A 50 4.40 -17.28 10.46
CA VAL A 50 4.63 -18.71 10.31
C VAL A 50 6.13 -18.96 10.21
N ALA A 51 6.60 -19.98 10.92
CA ALA A 51 7.98 -20.42 10.81
C ALA A 51 8.02 -21.94 10.73
N TYR A 52 8.82 -22.48 9.80
CA TYR A 52 8.97 -23.93 9.66
C TYR A 52 10.27 -24.39 10.32
N LEU A 53 10.17 -25.21 11.35
CA LEU A 53 11.31 -25.64 12.17
C LEU A 53 11.72 -27.07 11.82
N HIS A 54 13.01 -27.27 11.54
CA HIS A 54 13.50 -28.46 10.84
C HIS A 54 14.63 -29.10 11.61
N ASN A 55 14.47 -30.38 11.99
CA ASN A 55 15.51 -31.13 12.72
C ASN A 55 16.41 -31.83 11.72
N VAL A 56 17.62 -31.30 11.52
CA VAL A 56 18.58 -31.87 10.59
C VAL A 56 19.70 -32.62 11.28
N GLY A 57 19.64 -32.77 12.61
CA GLY A 57 20.57 -33.61 13.35
C GLY A 57 20.07 -35.03 13.45
N GLU A 58 20.63 -35.76 14.43
CA GLU A 58 20.40 -37.20 14.60
C GLU A 58 19.80 -37.58 15.95
N THR A 59 19.27 -36.63 16.71
CA THR A 59 18.72 -36.96 18.01
C THR A 59 17.34 -36.33 18.10
N THR A 60 16.43 -37.02 18.78
CA THR A 60 15.09 -36.48 18.92
C THR A 60 15.13 -35.25 19.81
N ILE A 61 14.35 -34.24 19.45
CA ILE A 61 14.14 -33.07 20.28
C ILE A 61 12.75 -33.17 20.87
N SER A 62 12.66 -33.09 22.20
CA SER A 62 11.41 -33.35 22.90
C SER A 62 10.98 -32.13 23.71
N TYR A 63 9.72 -32.18 24.12
CA TYR A 63 9.11 -31.14 24.95
C TYR A 63 9.24 -29.76 24.32
N LEU A 64 8.83 -29.66 23.05
CA LEU A 64 8.93 -28.38 22.34
C LEU A 64 8.06 -27.31 22.96
N GLN A 65 7.00 -27.69 23.68
CA GLN A 65 6.11 -26.71 24.32
C GLN A 65 6.84 -25.93 25.41
N ASN A 66 7.90 -26.48 25.98
CA ASN A 66 8.70 -25.74 26.95
C ASN A 66 9.78 -24.87 26.30
N SER A 67 9.70 -24.65 24.99
CA SER A 67 10.63 -23.72 24.35
C SER A 67 10.31 -22.31 24.76
N VAL A 68 11.24 -21.39 24.54
CA VAL A 68 10.93 -19.97 24.63
C VAL A 68 11.05 -19.39 23.23
N VAL A 69 10.12 -18.51 22.88
CA VAL A 69 10.04 -17.94 21.55
C VAL A 69 10.02 -16.43 21.71
N TYR A 70 10.88 -15.74 20.97
CA TYR A 70 10.89 -14.30 20.96
C TYR A 70 10.57 -13.82 19.56
N PHE A 71 9.82 -12.73 19.47
CA PHE A 71 9.52 -12.19 18.16
C PHE A 71 9.45 -10.68 18.25
N GLY A 72 9.86 -10.02 17.17
CA GLY A 72 9.64 -8.59 17.10
C GLY A 72 10.37 -7.95 15.95
N PRO A 73 10.30 -6.62 15.88
CA PRO A 73 11.16 -5.90 14.95
C PRO A 73 12.61 -6.01 15.37
N ASN A 74 13.52 -5.90 14.39
CA ASN A 74 14.95 -6.10 14.63
C ASN A 74 15.45 -5.22 15.77
N GLY A 75 15.97 -5.87 16.82
CA GLY A 75 16.48 -5.17 17.96
C GLY A 75 15.49 -4.96 19.07
N GLN A 76 14.21 -5.26 18.84
CA GLN A 76 13.20 -5.00 19.86
C GLN A 76 12.34 -6.22 20.07
N LEU A 77 12.96 -7.39 20.12
CA LEU A 77 12.21 -8.64 20.28
C LEU A 77 11.56 -8.70 21.66
N GLN A 78 10.40 -9.39 21.70
CA GLN A 78 9.63 -9.55 22.92
C GLN A 78 9.33 -11.03 23.12
N PRO A 79 9.33 -11.50 24.36
CA PRO A 79 9.00 -12.91 24.62
C PRO A 79 7.55 -13.14 24.30
N VAL A 80 7.24 -14.39 23.93
CA VAL A 80 5.92 -14.78 23.45
C VAL A 80 5.54 -16.09 24.12
N GLY A 81 4.34 -16.14 24.69
CA GLY A 81 3.93 -17.28 25.49
C GLY A 81 3.23 -18.38 24.69
N TYR A 82 3.33 -19.61 25.21
CA TYR A 82 2.81 -20.78 24.53
C TYR A 82 1.33 -20.98 24.83
N ASN A 83 0.51 -20.99 23.76
CA ASN A 83 -0.86 -21.51 23.76
C ASN A 83 -1.78 -20.78 24.72
N SER A 84 -1.45 -19.55 25.10
CA SER A 84 -2.21 -18.80 26.10
C SER A 84 -3.61 -18.42 25.64
N GLY A 85 -3.91 -18.56 24.35
CA GLY A 85 -5.16 -18.08 23.79
C GLY A 85 -5.27 -16.56 23.65
N SER A 86 -4.33 -15.79 24.20
CA SER A 86 -4.37 -14.32 24.20
C SER A 86 -3.08 -13.76 23.63
N SER A 87 -3.21 -12.92 22.60
CA SER A 87 -2.07 -12.43 21.84
C SER A 87 -1.14 -11.60 22.72
N PRO A 88 0.19 -11.67 22.51
CA PRO A 88 0.86 -12.52 21.52
C PRO A 88 1.12 -13.94 22.03
N TYR A 89 0.73 -14.98 21.29
CA TYR A 89 0.99 -16.34 21.73
C TYR A 89 1.35 -17.20 20.53
N TRP A 90 1.94 -18.38 20.80
CA TRP A 90 2.40 -19.25 19.73
C TRP A 90 1.90 -20.68 19.91
N THR A 91 1.84 -21.42 18.80
CA THR A 91 1.45 -22.82 18.77
C THR A 91 2.41 -23.60 17.88
N VAL A 92 2.36 -24.92 18.00
CA VAL A 92 3.29 -25.80 17.29
C VAL A 92 2.56 -27.10 16.96
N THR A 93 2.72 -27.57 15.73
CA THR A 93 1.92 -28.70 15.27
C THR A 93 2.26 -30.03 15.93
N SER A 94 3.27 -30.09 16.80
CA SER A 94 3.67 -31.32 17.49
C SER A 94 4.76 -30.92 18.48
N ASN A 95 4.85 -31.63 19.61
CA ASN A 95 5.82 -31.17 20.59
C ASN A 95 7.02 -32.12 20.74
N SER A 96 7.23 -32.96 19.74
CA SER A 96 8.50 -33.66 19.57
C SER A 96 8.88 -33.53 18.12
N LEU A 97 10.15 -33.77 17.84
CA LEU A 97 10.67 -33.52 16.49
C LEU A 97 11.74 -34.56 16.23
N GLN A 98 11.42 -35.51 15.38
CA GLN A 98 12.34 -36.60 15.12
C GLN A 98 13.33 -36.12 14.05
N PRO A 99 14.48 -36.79 13.94
CA PRO A 99 15.44 -36.42 12.90
C PRO A 99 14.78 -36.47 11.52
N GLY A 100 14.90 -35.37 10.78
CA GLY A 100 14.33 -35.26 9.46
C GLY A 100 12.95 -34.64 9.41
N SER A 101 12.26 -34.56 10.55
CA SER A 101 10.90 -34.03 10.63
C SER A 101 10.87 -32.50 10.67
N LYS A 102 9.69 -31.94 10.36
CA LYS A 102 9.44 -30.51 10.37
C LYS A 102 8.17 -30.25 11.17
N VAL A 103 8.17 -29.16 11.94
CA VAL A 103 6.92 -28.70 12.55
C VAL A 103 6.72 -27.24 12.21
N LYS A 104 5.46 -26.80 12.32
CA LYS A 104 5.09 -25.44 11.94
C LYS A 104 4.71 -24.66 13.18
N ILE A 105 5.38 -23.54 13.37
CA ILE A 105 5.16 -22.65 14.51
C ILE A 105 4.34 -21.48 14.01
N ILE A 106 3.24 -21.17 14.70
CA ILE A 106 2.43 -20.00 14.35
C ILE A 106 2.44 -19.05 15.52
N ILE A 107 2.77 -17.79 15.26
CA ILE A 107 2.67 -16.72 16.25
C ILE A 107 1.46 -15.85 15.89
N TYR A 108 0.61 -15.62 16.88
CA TYR A 108 -0.56 -14.76 16.79
C TYR A 108 -0.29 -13.48 17.55
N LEU A 109 -0.35 -12.35 16.84
CA LEU A 109 0.03 -11.03 17.33
C LEU A 109 -1.21 -10.18 17.63
N SER A 110 -0.99 -9.18 18.48
CA SER A 110 -2.03 -8.28 18.94
C SER A 110 -1.98 -6.93 18.26
N SER A 111 -0.91 -6.62 17.52
CA SER A 111 -0.83 -5.38 16.76
C SER A 111 -0.31 -5.68 15.36
N PRO A 112 -0.79 -4.99 14.35
CA PRO A 112 -0.35 -5.31 12.98
C PRO A 112 1.13 -5.02 12.76
N LEU A 113 1.71 -5.78 11.85
CA LEU A 113 3.10 -5.57 11.48
C LEU A 113 3.20 -4.45 10.47
N SER A 114 4.21 -3.62 10.64
CA SER A 114 4.42 -2.55 9.68
C SER A 114 4.96 -3.14 8.39
N SER A 115 4.68 -2.46 7.28
CA SER A 115 5.13 -2.94 5.99
C SER A 115 6.60 -2.64 5.71
N ASN A 116 7.19 -1.65 6.36
CA ASN A 116 8.54 -1.22 5.99
C ASN A 116 9.51 -1.48 7.13
N GLN A 117 9.63 -2.75 7.53
CA GLN A 117 10.43 -3.05 8.70
C GLN A 117 10.81 -4.52 8.69
N TYR A 118 12.05 -4.81 9.12
CA TYR A 118 12.52 -6.18 9.21
C TYR A 118 12.16 -6.74 10.57
N TYR A 119 11.82 -8.02 10.60
CA TYR A 119 11.40 -8.71 11.81
C TYR A 119 12.28 -9.91 12.00
N THR A 120 12.43 -10.31 13.26
CA THR A 120 13.19 -11.49 13.61
C THR A 120 12.35 -12.35 14.54
N ILE A 121 12.35 -13.65 14.26
CA ILE A 121 11.81 -14.66 15.14
C ILE A 121 12.97 -15.48 15.67
N GLN A 122 12.88 -15.88 16.93
CA GLN A 122 13.93 -16.65 17.56
C GLN A 122 13.32 -17.69 18.48
N ILE A 123 13.90 -18.89 18.47
CA ILE A 123 13.39 -20.04 19.20
C ILE A 123 14.54 -20.63 19.98
N VAL A 124 14.30 -20.92 21.26
CA VAL A 124 15.28 -21.54 22.16
C VAL A 124 14.62 -22.78 22.75
N THR A 125 15.02 -23.95 22.28
CA THR A 125 14.53 -25.23 22.79
C THR A 125 14.89 -25.38 24.28
N PRO A 126 14.21 -26.31 24.99
CA PRO A 126 14.59 -26.57 26.40
C PRO A 126 16.04 -26.98 26.57
N ASN A 127 16.56 -27.80 25.66
CA ASN A 127 17.97 -28.18 25.69
C ASN A 127 18.90 -27.02 25.39
N GLY A 128 18.38 -25.85 25.02
CA GLY A 128 19.21 -24.68 24.80
C GLY A 128 19.54 -24.35 23.34
N TYR A 129 19.24 -25.23 22.37
CA TYR A 129 19.55 -24.90 20.99
CA TYR A 129 19.50 -24.93 20.96
C TYR A 129 18.81 -23.63 20.56
N THR A 130 19.55 -22.70 19.97
CA THR A 130 19.01 -21.38 19.63
C THR A 130 19.04 -21.13 18.13
N VAL A 131 17.88 -20.86 17.54
CA VAL A 131 17.83 -20.59 16.10
C VAL A 131 16.98 -19.35 15.85
N SER A 132 17.28 -18.65 14.77
CA SER A 132 16.55 -17.43 14.47
C SER A 132 16.34 -17.37 12.97
N TYR A 133 15.45 -16.48 12.55
CA TYR A 133 15.17 -16.24 11.15
C TYR A 133 14.68 -14.81 11.00
N MET A 134 15.24 -14.11 10.03
CA MET A 134 14.91 -12.72 9.78
C MET A 134 14.19 -12.57 8.46
N PHE A 135 13.05 -11.88 8.48
CA PHE A 135 12.33 -11.64 7.24
C PHE A 135 11.90 -10.19 7.13
N ASN B 17 35.39 -41.78 21.34
CA ASN B 17 34.04 -41.46 21.81
C ASN B 17 33.11 -41.27 20.60
N GLN B 18 31.83 -41.62 20.75
CA GLN B 18 30.99 -41.80 19.57
C GLN B 18 30.14 -40.59 19.25
N ALA B 19 29.75 -39.78 20.24
CA ALA B 19 29.15 -38.48 19.90
C ALA B 19 30.09 -37.66 19.04
N GLN B 20 31.40 -37.71 19.34
CA GLN B 20 32.39 -37.01 18.53
C GLN B 20 32.42 -37.54 17.12
N GLU B 21 32.35 -38.86 16.95
CA GLU B 21 32.46 -39.42 15.60
C GLU B 21 31.20 -39.12 14.79
N LEU B 22 30.03 -39.26 15.40
CA LEU B 22 28.79 -38.93 14.71
C LEU B 22 28.79 -37.48 14.27
N ASN B 23 29.14 -36.58 15.20
CA ASN B 23 29.12 -35.16 14.87
C ASN B 23 30.11 -34.84 13.77
N HIS B 24 31.29 -35.46 13.81
CA HIS B 24 32.26 -35.34 12.71
C HIS B 24 31.62 -35.67 11.35
N GLU B 25 31.04 -36.88 11.24
CA GLU B 25 30.49 -37.30 9.94
C GLU B 25 29.41 -36.36 9.47
N LEU B 26 28.46 -36.03 10.35
CA LEU B 26 27.34 -35.19 9.94
C LEU B 26 27.82 -33.83 9.47
N GLU B 27 28.72 -33.18 10.24
CA GLU B 27 29.14 -31.85 9.84
C GLU B 27 29.89 -31.87 8.51
N LEU B 28 30.64 -32.96 8.21
CA LEU B 28 31.22 -32.88 6.88
C LEU B 28 30.21 -33.19 5.80
N GLU B 29 29.14 -33.91 6.10
CA GLU B 29 28.13 -34.07 5.09
C GLU B 29 27.45 -32.74 4.82
N GLN B 30 27.28 -31.92 5.86
CA GLN B 30 26.72 -30.58 5.64
C GLN B 30 27.67 -29.72 4.82
N LEU B 31 28.98 -29.82 5.07
CA LEU B 31 29.96 -29.06 4.27
C LEU B 31 29.90 -29.46 2.80
N GLU B 32 29.75 -30.76 2.52
CA GLU B 32 29.82 -31.22 1.13
C GLU B 32 28.48 -31.20 0.38
N THR B 33 27.40 -30.69 0.98
CA THR B 33 26.09 -30.63 0.32
C THR B 33 25.81 -29.23 -0.22
N LYS B 34 25.40 -29.16 -1.49
CA LYS B 34 25.11 -27.90 -2.15
C LYS B 34 24.15 -28.16 -3.30
N ILE B 35 23.08 -27.34 -3.42
CA ILE B 35 22.14 -27.46 -4.53
C ILE B 35 21.84 -26.08 -5.11
N THR B 36 21.49 -26.06 -6.40
CA THR B 36 21.14 -24.84 -7.12
C THR B 36 19.98 -25.11 -8.06
N VAL B 37 19.29 -24.05 -8.46
CA VAL B 37 18.10 -24.15 -9.32
C VAL B 37 18.49 -23.76 -10.74
N SER B 38 18.41 -24.72 -11.67
CA SER B 38 18.72 -24.41 -13.06
C SER B 38 17.62 -23.59 -13.71
N SER B 39 16.37 -23.95 -13.45
CA SER B 39 15.27 -23.36 -14.20
C SER B 39 13.96 -23.69 -13.49
N VAL B 40 12.98 -22.83 -13.72
CA VAL B 40 11.66 -23.00 -13.15
C VAL B 40 10.68 -22.87 -14.30
N SER B 41 9.65 -23.69 -14.29
CA SER B 41 8.70 -23.66 -15.39
C SER B 41 7.37 -24.16 -14.87
N LEU B 42 6.29 -23.53 -15.32
CA LEU B 42 4.97 -23.77 -14.78
C LEU B 42 4.04 -24.22 -15.89
N THR B 43 3.14 -25.14 -15.56
CA THR B 43 2.02 -25.49 -16.44
C THR B 43 0.85 -25.83 -15.53
N GLY B 44 -0.23 -25.07 -15.64
CA GLY B 44 -1.39 -25.30 -14.81
C GLY B 44 -1.09 -25.07 -13.34
N SER B 45 -1.31 -26.08 -12.51
CA SER B 45 -0.96 -26.04 -11.11
C SER B 45 0.37 -26.73 -10.83
N THR B 46 1.12 -27.08 -11.87
CA THR B 46 2.30 -27.92 -11.74
C THR B 46 3.54 -27.06 -11.91
N LEU B 47 4.36 -27.06 -10.87
CA LEU B 47 5.60 -26.30 -10.84
C LEU B 47 6.73 -27.28 -11.05
N ASN B 48 7.62 -26.99 -11.99
CA ASN B 48 8.75 -27.85 -12.32
C ASN B 48 10.02 -27.07 -12.02
N VAL B 49 10.79 -27.54 -11.05
CA VAL B 49 12.07 -26.94 -10.70
C VAL B 49 13.14 -27.92 -11.15
N VAL B 50 14.14 -27.42 -11.85
CA VAL B 50 15.21 -28.28 -12.32
C VAL B 50 16.34 -28.07 -11.32
N LEU B 51 16.56 -29.07 -10.49
CA LEU B 51 17.50 -28.99 -9.39
C LEU B 51 18.80 -29.63 -9.80
N GLU B 52 19.92 -29.02 -9.37
CA GLU B 52 21.26 -29.45 -9.71
C GLU B 52 22.08 -29.67 -8.45
N ASN B 53 22.78 -30.80 -8.37
CA ASN B 53 23.57 -31.18 -7.21
C ASN B 53 25.02 -30.78 -7.43
N ASN B 54 25.47 -29.72 -6.76
CA ASN B 54 26.82 -29.20 -6.93
C ASN B 54 27.77 -29.62 -5.82
N GLY B 55 27.34 -30.50 -4.92
CA GLY B 55 28.17 -30.98 -3.84
C GLY B 55 28.76 -32.34 -4.16
N SER B 56 29.27 -32.99 -3.11
CA SER B 56 29.82 -34.33 -3.25
C SER B 56 29.06 -35.36 -2.41
N THR B 57 27.87 -35.05 -1.94
CA THR B 57 27.01 -36.04 -1.28
C THR B 57 25.90 -36.47 -2.23
N ASN B 58 25.55 -37.74 -2.16
CA ASN B 58 24.35 -38.20 -2.86
C ASN B 58 23.12 -37.74 -2.12
N LEU B 59 22.10 -37.31 -2.85
CA LEU B 59 20.87 -36.88 -2.23
C LEU B 59 19.75 -37.84 -2.62
N TYR B 60 19.02 -38.33 -1.62
CA TYR B 60 17.99 -39.32 -1.85
C TYR B 60 16.96 -39.29 -0.74
N ASP B 61 17.34 -38.78 0.43
CA ASP B 61 16.43 -38.82 1.58
C ASP B 61 15.42 -37.68 1.45
N PHE B 62 14.56 -37.83 0.45
CA PHE B 62 13.62 -36.78 0.11
C PHE B 62 12.54 -36.61 1.16
N GLN B 63 12.26 -37.64 1.97
CA GLN B 63 11.31 -37.45 3.05
C GLN B 63 11.80 -36.38 4.01
N GLY B 64 13.12 -36.26 4.17
CA GLY B 64 13.79 -35.33 5.05
C GLY B 64 14.15 -34.01 4.42
N PHE B 65 13.85 -33.83 3.13
CA PHE B 65 13.92 -32.51 2.53
C PHE B 65 12.80 -31.63 3.05
N SER B 66 12.87 -30.36 2.70
CA SER B 66 11.74 -29.45 2.85
C SER B 66 11.52 -28.78 1.52
N VAL B 67 10.26 -28.62 1.16
CA VAL B 67 9.88 -27.85 -0.02
C VAL B 67 8.79 -26.91 0.44
N ILE B 68 9.08 -25.61 0.46
CA ILE B 68 8.14 -24.61 0.92
C ILE B 68 7.89 -23.66 -0.23
N VAL B 69 6.63 -23.38 -0.51
CA VAL B 69 6.31 -22.42 -1.55
C VAL B 69 5.44 -21.32 -0.96
N GLN B 70 5.84 -20.08 -1.25
CA GLN B 70 5.03 -18.89 -1.00
C GLN B 70 4.73 -18.28 -2.36
N TYR B 71 3.47 -18.24 -2.74
CA TYR B 71 3.09 -17.71 -4.04
C TYR B 71 1.69 -17.12 -3.92
N TYR B 72 1.22 -16.51 -4.98
CA TYR B 72 -0.11 -15.93 -5.00
C TYR B 72 -1.00 -16.81 -5.84
N ALA B 73 -1.90 -17.53 -5.18
CA ALA B 73 -2.80 -18.46 -5.85
C ALA B 73 -3.94 -17.71 -6.51
N ASN B 74 -4.46 -18.29 -7.58
CA ASN B 74 -5.64 -17.76 -8.25
C ASN B 74 -6.84 -18.52 -7.71
N ILE B 75 -7.48 -17.97 -6.68
CA ILE B 75 -8.68 -18.58 -6.09
C ILE B 75 -9.90 -17.80 -6.57
N SER B 76 -10.68 -18.41 -7.48
CA SER B 76 -11.90 -17.81 -7.98
C SER B 76 -11.63 -16.41 -8.52
N ASN B 77 -10.56 -16.32 -9.31
CA ASN B 77 -10.09 -15.10 -9.95
C ASN B 77 -9.70 -14.01 -8.96
N ILE B 78 -9.49 -14.36 -7.69
CA ILE B 78 -8.89 -13.44 -6.72
C ILE B 78 -7.48 -13.94 -6.36
N SER B 79 -6.52 -13.03 -6.41
CA SER B 79 -5.13 -13.38 -6.11
C SER B 79 -4.94 -13.42 -4.59
N THR B 80 -4.62 -14.60 -4.07
CA THR B 80 -4.64 -14.86 -2.64
C THR B 80 -3.30 -15.40 -2.17
N PHE B 81 -2.74 -14.79 -1.13
CA PHE B 81 -1.47 -15.22 -0.58
C PHE B 81 -1.54 -16.69 -0.16
N ASN B 82 -0.49 -17.44 -0.47
CA ASN B 82 -0.42 -18.84 -0.08
C ASN B 82 0.99 -19.22 0.33
N LEU B 83 1.10 -19.83 1.51
CA LEU B 83 2.36 -20.32 2.05
C LEU B 83 2.12 -21.75 2.53
N SER B 84 2.87 -22.71 1.99
CA SER B 84 2.64 -24.08 2.39
C SER B 84 3.92 -24.90 2.32
N LEU B 85 3.98 -25.88 3.21
CA LEU B 85 4.93 -26.97 3.14
C LEU B 85 4.39 -28.08 2.26
N TYR B 86 5.24 -28.64 1.42
CA TYR B 86 4.89 -29.77 0.58
C TYR B 86 5.64 -31.00 1.04
N ASN B 87 4.92 -32.12 1.16
CA ASN B 87 5.53 -33.37 1.58
C ASN B 87 5.87 -34.21 0.35
N TYR B 88 6.95 -35.00 0.48
CA TYR B 88 7.39 -35.85 -0.61
C TYR B 88 6.47 -37.05 -0.78
N THR B 89 6.34 -37.49 -2.03
CA THR B 89 5.76 -38.78 -2.37
C THR B 89 6.53 -39.37 -3.54
N LYS B 90 6.62 -40.71 -3.58
CA LYS B 90 7.22 -41.37 -4.74
C LYS B 90 6.26 -41.45 -5.92
N ASN B 91 4.96 -41.34 -5.65
CA ASN B 91 3.94 -41.27 -6.67
C ASN B 91 4.30 -40.25 -7.74
N SER B 92 4.27 -40.66 -9.01
CA SER B 92 4.62 -39.72 -10.07
C SER B 92 3.49 -38.76 -10.42
N ASN B 93 2.27 -39.01 -9.94
CA ASN B 93 1.11 -38.15 -10.17
C ASN B 93 0.59 -37.72 -8.80
N PRO B 94 1.26 -36.77 -8.14
CA PRO B 94 0.96 -36.43 -6.74
C PRO B 94 -0.23 -35.48 -6.56
N SER B 95 -0.85 -35.58 -5.38
CA SER B 95 -1.94 -34.71 -4.96
C SER B 95 -1.47 -33.28 -4.68
N PRO B 96 -2.39 -32.33 -4.50
CA PRO B 96 -1.97 -31.01 -4.05
C PRO B 96 -1.33 -31.06 -2.67
N TYR B 97 -0.37 -30.16 -2.47
CA TYR B 97 0.47 -30.10 -1.26
C TYR B 97 1.45 -31.26 -1.21
N TYR B 98 1.80 -31.81 -2.37
CA TYR B 98 2.77 -32.87 -2.50
C TYR B 98 3.72 -32.56 -3.63
N TRP B 99 4.91 -33.12 -3.55
CA TRP B 99 5.89 -32.99 -4.60
C TRP B 99 6.61 -34.33 -4.77
N THR B 100 7.22 -34.49 -5.93
CA THR B 100 7.98 -35.68 -6.24
C THR B 100 9.15 -35.26 -7.10
N ILE B 101 10.04 -36.21 -7.35
CA ILE B 101 11.21 -35.95 -8.17
C ILE B 101 11.39 -37.17 -9.07
N ASN B 102 11.92 -36.92 -10.27
CA ASN B 102 12.00 -37.98 -11.28
C ASN B 102 13.32 -38.77 -11.21
N THR B 103 13.82 -39.02 -10.00
CA THR B 103 14.93 -39.95 -9.78
C THR B 103 14.91 -40.37 -8.32
N PRO B 104 15.35 -41.60 -8.01
CA PRO B 104 15.42 -42.01 -6.60
C PRO B 104 16.70 -41.52 -5.92
N LEU B 105 17.70 -41.08 -6.70
CA LEU B 105 18.98 -40.65 -6.16
C LEU B 105 19.61 -39.66 -7.12
N LEU B 106 19.87 -38.45 -6.61
CA LEU B 106 20.43 -37.34 -7.38
C LEU B 106 21.92 -37.27 -7.06
N ALA B 107 22.75 -37.78 -7.96
CA ALA B 107 24.16 -37.91 -7.65
C ALA B 107 24.92 -36.60 -7.91
N PRO B 108 26.11 -36.45 -7.33
CA PRO B 108 26.90 -35.24 -7.60
C PRO B 108 27.08 -35.02 -9.09
N GLY B 109 26.76 -33.82 -9.55
CA GLY B 109 26.86 -33.46 -10.94
C GLY B 109 25.59 -33.64 -11.74
N SER B 110 24.65 -34.44 -11.26
CA SER B 110 23.43 -34.72 -12.00
C SER B 110 22.38 -33.62 -11.81
N GLN B 111 21.30 -33.73 -12.58
CA GLN B 111 20.15 -32.87 -12.44
C GLN B 111 18.92 -33.75 -12.31
N ALA B 112 17.87 -33.18 -11.75
CA ALA B 112 16.59 -33.87 -11.69
C ALA B 112 15.48 -32.84 -11.72
N THR B 113 14.31 -33.26 -12.13
CA THR B 113 13.19 -32.36 -12.20
C THR B 113 12.28 -32.66 -11.01
N LEU B 114 12.07 -31.64 -10.21
CA LEU B 114 11.22 -31.69 -9.04
C LEU B 114 9.88 -31.11 -9.48
N THR B 115 8.79 -31.85 -9.29
CA THR B 115 7.46 -31.37 -9.65
C THR B 115 6.59 -31.21 -8.40
N ILE B 116 6.10 -29.99 -8.21
CA ILE B 116 5.34 -29.58 -7.04
C ILE B 116 3.92 -29.31 -7.48
N ILE B 117 2.94 -29.90 -6.81
CA ILE B 117 1.55 -29.77 -7.21
C ILE B 117 0.95 -28.70 -6.31
N LEU B 118 0.87 -27.47 -6.85
CA LEU B 118 0.25 -26.37 -6.14
C LEU B 118 -1.25 -26.60 -6.01
N PRO B 119 -1.88 -26.08 -4.96
CA PRO B 119 -3.32 -26.31 -4.78
C PRO B 119 -4.20 -25.49 -5.71
N TYR B 120 -3.66 -24.43 -6.32
CA TYR B 120 -4.35 -23.59 -7.31
C TYR B 120 -3.30 -23.09 -8.27
N PRO B 121 -3.65 -22.83 -9.52
CA PRO B 121 -2.69 -22.24 -10.45
C PRO B 121 -2.32 -20.85 -9.99
N PRO B 122 -1.07 -20.45 -10.16
CA PRO B 122 -0.69 -19.07 -9.79
C PRO B 122 -1.51 -18.03 -10.57
N TYR B 123 -1.86 -16.95 -9.88
CA TYR B 123 -2.40 -15.78 -10.53
C TYR B 123 -1.32 -15.17 -11.42
N PRO B 124 -1.66 -14.73 -12.63
CA PRO B 124 -0.63 -14.37 -13.61
C PRO B 124 0.25 -13.22 -13.16
N ASN B 125 1.55 -13.38 -13.44
CA ASN B 125 2.61 -12.41 -13.14
C ASN B 125 2.56 -11.90 -11.69
N THR B 126 2.52 -12.86 -10.77
CA THR B 126 2.67 -12.64 -9.34
C THR B 126 3.98 -13.27 -8.89
N GLN B 127 4.65 -12.64 -7.93
CA GLN B 127 5.93 -13.16 -7.50
C GLN B 127 5.77 -14.27 -6.46
N ALA B 128 6.80 -15.14 -6.41
CA ALA B 128 6.81 -16.32 -5.57
C ALA B 128 8.23 -16.60 -5.10
N THR B 129 8.29 -17.32 -3.99
CA THR B 129 9.52 -17.85 -3.38
C THR B 129 9.38 -19.35 -3.22
N VAL B 130 10.39 -20.07 -3.69
CA VAL B 130 10.48 -21.52 -3.58
C VAL B 130 11.72 -21.82 -2.77
N VAL B 131 11.52 -22.54 -1.67
CA VAL B 131 12.61 -22.91 -0.77
C VAL B 131 12.72 -24.42 -0.82
N ILE B 132 13.90 -24.92 -1.16
CA ILE B 132 14.17 -26.35 -1.21
C ILE B 132 15.35 -26.60 -0.29
N VAL B 133 15.12 -27.40 0.76
CA VAL B 133 16.12 -27.68 1.79
C VAL B 133 16.49 -29.17 1.72
N THR B 134 17.77 -29.46 1.53
CA THR B 134 18.22 -30.85 1.58
C THR B 134 17.99 -31.42 2.98
N ASN B 135 18.02 -32.75 3.07
CA ASN B 135 17.88 -33.37 4.38
C ASN B 135 19.05 -33.01 5.30
N TYR B 136 20.17 -32.59 4.74
CA TYR B 136 21.34 -32.28 5.55
C TYR B 136 21.33 -30.87 6.12
N GLY B 137 20.53 -29.97 5.56
CA GLY B 137 20.49 -28.60 6.02
C GLY B 137 20.64 -27.57 4.91
N PRO B 138 21.71 -27.68 4.11
CA PRO B 138 21.89 -26.72 3.01
C PRO B 138 20.69 -26.65 2.07
N SER B 139 20.36 -25.43 1.65
CA SER B 139 19.12 -25.19 0.93
C SER B 139 19.36 -24.21 -0.23
N VAL B 140 18.29 -23.92 -0.97
CA VAL B 140 18.33 -22.99 -2.09
C VAL B 140 17.00 -22.29 -2.16
N ILE B 141 17.04 -20.97 -2.37
CA ILE B 141 15.85 -20.13 -2.46
C ILE B 141 15.79 -19.49 -3.84
N TRP B 142 14.67 -19.68 -4.53
CA TRP B 142 14.42 -19.08 -5.83
C TRP B 142 13.29 -18.08 -5.69
N ARG B 143 13.46 -16.88 -6.24
CA ARG B 143 12.42 -15.85 -6.22
C ARG B 143 12.18 -15.37 -7.63
N GLY B 144 10.92 -15.32 -8.05
CA GLY B 144 10.63 -14.95 -9.42
C GLY B 144 9.14 -14.79 -9.65
N SER B 145 8.73 -14.89 -10.91
CA SER B 145 7.36 -14.63 -11.28
C SER B 145 6.70 -15.90 -11.83
N LEU B 146 5.43 -16.07 -11.52
CA LEU B 146 4.66 -17.23 -11.95
C LEU B 146 3.37 -16.86 -12.69
N MET C 21 -45.68 42.36 5.22
CA MET C 21 -44.91 41.42 4.38
C MET C 21 -43.59 42.03 3.88
N SER C 22 -42.51 41.59 4.55
CA SER C 22 -41.17 42.19 4.45
C SER C 22 -40.03 41.16 4.51
N SER C 23 -39.21 41.13 3.44
CA SER C 23 -38.08 40.19 3.28
C SER C 23 -36.80 40.95 2.86
N TYR C 24 -35.70 40.65 3.55
CA TYR C 24 -34.37 41.12 3.15
C TYR C 24 -33.34 40.01 3.35
N SER C 25 -32.38 39.99 2.42
CA SER C 25 -31.32 38.99 2.34
C SER C 25 -30.22 39.28 3.35
N ILE C 26 -29.81 38.22 4.09
CA ILE C 26 -28.78 38.18 5.15
C ILE C 26 -29.40 38.74 6.44
N GLN C 27 -28.59 39.42 7.27
CA GLN C 27 -29.03 40.18 8.43
C GLN C 27 -27.87 40.86 9.18
N GLN C 28 -28.19 41.98 9.87
CA GLN C 28 -27.33 42.70 10.80
C GLN C 28 -27.33 42.09 12.21
N SER C 29 -28.07 41.00 12.41
CA SER C 29 -28.06 40.26 13.67
C SER C 29 -27.00 39.19 13.71
N GLN C 30 -26.52 38.75 12.55
CA GLN C 30 -25.64 37.58 12.43
C GLN C 30 -24.25 38.06 12.11
N LYS C 31 -23.35 38.01 13.09
CA LYS C 31 -22.00 38.51 12.90
C LYS C 31 -21.01 37.50 13.42
N MET C 32 -19.76 37.65 12.98
CA MET C 32 -18.66 36.83 13.44
C MET C 32 -17.47 37.74 13.76
N LEU C 33 -16.40 37.13 14.27
CA LEU C 33 -15.22 37.89 14.65
C LEU C 33 -14.38 38.19 13.41
N THR C 34 -14.01 39.46 13.27
CA THR C 34 -13.12 39.93 12.21
C THR C 34 -11.71 40.05 12.77
N GLN C 35 -10.75 39.46 12.09
CA GLN C 35 -9.35 39.63 12.44
C GLN C 35 -8.54 40.32 11.34
N LEU C 36 -9.05 40.35 10.12
CA LEU C 36 -8.33 40.93 9.01
C LEU C 36 -9.37 41.55 8.10
N GLN C 37 -9.03 42.69 7.50
CA GLN C 37 -10.02 43.30 6.62
C GLN C 37 -9.33 44.23 5.66
N ILE C 38 -9.89 44.34 4.46
CA ILE C 38 -9.51 45.37 3.53
C ILE C 38 -10.33 46.61 3.88
N ASP C 39 -9.66 47.67 4.35
CA ASP C 39 -10.39 48.87 4.73
C ASP C 39 -11.02 49.55 3.53
N TYR C 40 -10.36 49.47 2.37
CA TYR C 40 -10.77 50.23 1.20
C TYR C 40 -9.94 49.76 0.03
N ALA C 41 -10.58 49.68 -1.12
CA ALA C 41 -9.88 49.30 -2.34
C ALA C 41 -10.59 49.97 -3.50
N THR C 42 -9.80 50.37 -4.50
CA THR C 42 -10.31 51.06 -5.68
C THR C 42 -9.17 51.11 -6.69
N ASN C 43 -9.51 51.36 -7.94
CA ASN C 43 -8.48 51.56 -8.95
C ASN C 43 -8.00 53.00 -8.90
N THR C 44 -6.69 53.19 -9.04
CA THR C 44 -6.07 54.50 -9.06
C THR C 44 -5.73 54.96 -10.47
N SER C 45 -6.01 54.15 -11.48
CA SER C 45 -5.83 54.46 -12.88
C SER C 45 -6.56 53.37 -13.66
N SER C 46 -6.32 53.27 -14.95
CA SER C 46 -6.91 52.17 -15.69
C SER C 46 -6.14 50.85 -15.50
N ASN C 47 -4.91 50.89 -14.96
CA ASN C 47 -4.01 49.73 -14.97
C ASN C 47 -3.63 49.31 -13.55
N THR C 48 -4.07 50.04 -12.53
CA THR C 48 -3.54 49.84 -11.19
C THR C 48 -4.67 49.87 -10.18
N VAL C 49 -4.54 48.99 -9.17
CA VAL C 49 -5.53 48.82 -8.12
C VAL C 49 -4.83 48.94 -6.79
N VAL C 50 -5.45 49.65 -5.86
CA VAL C 50 -4.91 49.82 -4.52
C VAL C 50 -5.88 49.23 -3.53
N ALA C 51 -5.34 48.49 -2.55
CA ALA C 51 -6.14 47.99 -1.44
C ALA C 51 -5.35 48.19 -0.16
N TYR C 52 -6.01 48.65 0.90
CA TYR C 52 -5.37 48.83 2.20
C TYR C 52 -5.81 47.68 3.12
N LEU C 53 -4.85 46.89 3.56
CA LEU C 53 -5.10 45.70 4.35
C LEU C 53 -4.81 46.00 5.82
N HIS C 54 -5.74 45.67 6.70
CA HIS C 54 -5.78 46.19 8.07
C HIS C 54 -5.90 45.02 9.03
N ASN C 55 -4.93 44.86 9.92
CA ASN C 55 -4.93 43.78 10.90
C ASN C 55 -5.66 44.25 12.15
N VAL C 56 -6.92 43.82 12.32
CA VAL C 56 -7.73 44.21 13.47
C VAL C 56 -7.82 43.11 14.51
N GLY C 57 -7.05 42.05 14.35
CA GLY C 57 -6.98 40.99 15.33
C GLY C 57 -5.93 41.29 16.39
N GLU C 58 -5.47 40.23 17.05
CA GLU C 58 -4.61 40.42 18.20
C GLU C 58 -3.23 39.80 18.06
N THR C 59 -2.89 39.21 16.90
CA THR C 59 -1.61 38.57 16.68
C THR C 59 -1.03 38.98 15.33
N THR C 60 0.29 39.03 15.26
CA THR C 60 0.93 39.45 14.02
C THR C 60 0.63 38.44 12.92
N ILE C 61 0.45 38.94 11.70
CA ILE C 61 0.36 38.12 10.49
C ILE C 61 1.67 38.28 9.73
N SER C 62 2.30 37.16 9.38
CA SER C 62 3.65 37.17 8.82
C SER C 62 3.70 36.51 7.46
N TYR C 63 4.82 36.74 6.77
CA TYR C 63 5.08 36.20 5.43
C TYR C 63 3.96 36.54 4.45
N LEU C 64 3.63 37.83 4.41
CA LEU C 64 2.58 38.31 3.51
C LEU C 64 2.94 38.10 2.06
N GLN C 65 4.24 38.02 1.76
CA GLN C 65 4.68 37.81 0.38
C GLN C 65 4.22 36.45 -0.15
N ASN C 66 3.98 35.48 0.73
CA ASN C 66 3.40 34.18 0.38
C ASN C 66 1.88 34.17 0.37
N SER C 67 1.24 35.33 0.38
CA SER C 67 -0.20 35.34 0.23
C SER C 67 -0.54 34.97 -1.19
N VAL C 68 -1.81 34.67 -1.39
CA VAL C 68 -2.39 34.47 -2.71
C VAL C 68 -3.35 35.62 -2.93
N VAL C 69 -3.31 36.20 -4.13
CA VAL C 69 -4.13 37.36 -4.47
C VAL C 69 -4.84 37.05 -5.77
N TYR C 70 -6.14 37.25 -5.81
CA TYR C 70 -6.91 37.15 -7.03
C TYR C 70 -7.56 38.49 -7.31
N PHE C 71 -7.71 38.82 -8.59
CA PHE C 71 -8.39 40.07 -8.94
C PHE C 71 -9.14 39.85 -10.24
N GLY C 72 -10.29 40.51 -10.37
CA GLY C 72 -10.94 40.52 -11.66
C GLY C 72 -12.34 41.08 -11.61
N PRO C 73 -13.04 41.09 -12.73
CA PRO C 73 -14.45 41.48 -12.70
C PRO C 73 -15.26 40.40 -11.98
N ASN C 74 -16.36 40.83 -11.38
CA ASN C 74 -17.18 39.95 -10.55
C ASN C 74 -17.53 38.68 -11.32
N GLY C 75 -17.07 37.53 -10.79
CA GLY C 75 -17.28 36.25 -11.41
C GLY C 75 -16.18 35.77 -12.33
N GLN C 76 -15.20 36.61 -12.63
CA GLN C 76 -14.11 36.22 -13.52
C GLN C 76 -12.76 36.60 -12.92
N LEU C 77 -12.57 36.29 -11.65
CA LEU C 77 -11.30 36.63 -11.00
C LEU C 77 -10.18 35.76 -11.55
N GLN C 78 -8.96 36.31 -11.53
CA GLN C 78 -7.75 35.67 -12.01
C GLN C 78 -6.63 35.77 -10.97
N PRO C 79 -5.78 34.76 -10.89
CA PRO C 79 -4.68 34.83 -9.93
C PRO C 79 -3.71 35.92 -10.34
N VAL C 80 -2.98 36.44 -9.38
CA VAL C 80 -2.06 37.56 -9.59
C VAL C 80 -0.78 37.24 -8.86
N GLY C 81 0.36 37.32 -9.54
CA GLY C 81 1.62 36.86 -9.00
C GLY C 81 2.35 37.95 -8.23
N TYR C 82 3.18 37.54 -7.29
CA TYR C 82 3.87 38.47 -6.41
C TYR C 82 5.16 38.97 -7.06
N ASN C 83 5.26 40.28 -7.25
CA ASN C 83 6.51 40.98 -7.50
C ASN C 83 7.21 40.56 -8.80
N SER C 84 6.45 40.01 -9.76
CA SER C 84 7.06 39.47 -10.97
C SER C 84 7.67 40.53 -11.88
N GLY C 85 7.36 41.81 -11.68
CA GLY C 85 7.76 42.84 -12.62
C GLY C 85 6.99 42.86 -13.93
N SER C 86 6.16 41.84 -14.20
CA SER C 86 5.42 41.77 -15.45
C SER C 86 3.94 41.58 -15.15
N SER C 87 3.11 42.50 -15.65
CA SER C 87 1.70 42.52 -15.31
C SER C 87 1.02 41.23 -15.79
N PRO C 88 0.03 40.71 -15.06
CA PRO C 88 -0.50 41.20 -13.77
C PRO C 88 0.28 40.76 -12.54
N TYR C 89 0.74 41.69 -11.72
CA TYR C 89 1.47 41.30 -10.51
C TYR C 89 1.14 42.29 -9.38
N TRP C 90 1.50 41.92 -8.15
CA TRP C 90 1.14 42.75 -7.01
C TRP C 90 2.33 42.96 -6.09
N THR C 91 2.26 44.04 -5.31
CA THR C 91 3.28 44.35 -4.31
C THR C 91 2.61 44.73 -3.00
N VAL C 92 3.42 44.74 -1.94
CA VAL C 92 2.95 45.05 -0.59
C VAL C 92 4.07 45.76 0.17
N THR C 93 3.73 46.86 0.84
CA THR C 93 4.69 47.76 1.46
C THR C 93 5.40 47.17 2.67
N SER C 94 5.10 45.95 3.07
CA SER C 94 5.75 45.33 4.20
C SER C 94 5.33 43.88 4.21
N ASN C 95 6.18 43.01 4.72
CA ASN C 95 5.88 41.58 4.61
C ASN C 95 5.37 40.98 5.91
N SER C 96 5.10 41.80 6.92
CA SER C 96 4.35 41.37 8.09
C SER C 96 3.41 42.48 8.52
N LEU C 97 2.46 42.12 9.37
CA LEU C 97 1.35 43.00 9.69
C LEU C 97 1.02 42.81 11.16
N GLN C 98 1.38 43.80 11.98
CA GLN C 98 1.17 43.75 13.41
C GLN C 98 -0.25 44.17 13.75
N PRO C 99 -0.71 43.85 14.96
CA PRO C 99 -2.05 44.32 15.38
C PRO C 99 -2.15 45.84 15.27
N GLY C 100 -3.13 46.29 14.50
CA GLY C 100 -3.36 47.69 14.30
C GLY C 100 -2.72 48.26 13.08
N SER C 101 -1.80 47.53 12.47
CA SER C 101 -1.04 48.01 11.31
C SER C 101 -1.87 47.92 10.03
N LYS C 102 -1.42 48.66 9.02
CA LYS C 102 -1.99 48.64 7.69
C LYS C 102 -0.86 48.49 6.70
N VAL C 103 -1.08 47.74 5.63
CA VAL C 103 -0.16 47.73 4.51
C VAL C 103 -0.92 48.07 3.24
N LYS C 104 -0.15 48.50 2.24
CA LYS C 104 -0.72 48.93 0.97
C LYS C 104 -0.35 47.90 -0.08
N ILE C 105 -1.37 47.36 -0.72
CA ILE C 105 -1.22 46.39 -1.80
C ILE C 105 -1.55 47.08 -3.08
N ILE C 106 -0.67 46.97 -4.07
CA ILE C 106 -0.87 47.55 -5.40
C ILE C 106 -0.88 46.41 -6.39
N ILE C 107 -1.88 46.36 -7.25
CA ILE C 107 -1.95 45.43 -8.37
C ILE C 107 -1.70 46.19 -9.66
N TYR C 108 -0.78 45.70 -10.47
CA TYR C 108 -0.49 46.24 -11.78
C TYR C 108 -1.06 45.30 -12.83
N LEU C 109 -1.98 45.82 -13.66
CA LEU C 109 -2.77 45.09 -14.64
C LEU C 109 -2.24 45.26 -16.07
N SER C 110 -2.63 44.33 -16.93
CA SER C 110 -2.17 44.26 -18.31
C SER C 110 -3.16 44.80 -19.32
N SER C 111 -4.43 44.94 -18.96
CA SER C 111 -5.42 45.55 -19.83
C SER C 111 -6.34 46.43 -18.98
N PRO C 112 -6.81 47.53 -19.53
CA PRO C 112 -7.55 48.51 -18.73
C PRO C 112 -8.87 47.98 -18.19
N LEU C 113 -9.30 48.59 -17.09
CA LEU C 113 -10.59 48.29 -16.47
C LEU C 113 -11.72 49.04 -17.13
N SER C 114 -12.86 48.37 -17.30
CA SER C 114 -14.04 49.04 -17.81
C SER C 114 -14.69 49.88 -16.72
N SER C 115 -15.34 50.97 -17.15
CA SER C 115 -16.01 51.88 -16.23
C SER C 115 -17.39 51.38 -15.80
N ASN C 116 -18.00 50.49 -16.56
CA ASN C 116 -19.36 50.08 -16.22
C ASN C 116 -19.36 48.62 -15.79
N GLN C 117 -18.55 48.30 -14.79
CA GLN C 117 -18.45 46.93 -14.31
C GLN C 117 -17.83 46.93 -12.93
N TYR C 118 -18.34 46.04 -12.06
CA TYR C 118 -17.85 45.90 -10.70
C TYR C 118 -16.70 44.91 -10.67
N TYR C 119 -15.73 45.17 -9.79
CA TYR C 119 -14.53 44.38 -9.68
C TYR C 119 -14.35 43.92 -8.25
N THR C 120 -13.65 42.81 -8.08
CA THR C 120 -13.37 42.26 -6.77
C THR C 120 -11.89 41.94 -6.65
N ILE C 121 -11.31 42.28 -5.50
CA ILE C 121 -9.98 41.85 -5.10
C ILE C 121 -10.12 40.91 -3.92
N GLN C 122 -9.27 39.88 -3.88
CA GLN C 122 -9.35 38.90 -2.82
C GLN C 122 -7.94 38.49 -2.41
N ILE C 123 -7.74 38.34 -1.10
CA ILE C 123 -6.43 38.07 -0.52
C ILE C 123 -6.58 36.90 0.45
N VAL C 124 -5.67 35.93 0.35
CA VAL C 124 -5.63 34.76 1.22
C VAL C 124 -4.23 34.69 1.81
N THR C 125 -4.11 35.05 3.09
CA THR C 125 -2.85 34.94 3.79
C THR C 125 -2.39 33.47 3.86
N PRO C 126 -1.10 33.22 4.16
CA PRO C 126 -0.66 31.83 4.32
C PRO C 126 -1.43 31.06 5.37
N ASN C 127 -1.74 31.70 6.50
CA ASN C 127 -2.53 31.12 7.57
C ASN C 127 -3.97 30.84 7.15
N GLY C 128 -4.37 31.19 5.92
CA GLY C 128 -5.68 30.84 5.39
C GLY C 128 -6.74 31.93 5.44
N TYR C 129 -6.52 33.00 6.24
CA TYR C 129 -7.48 34.11 6.36
CA TYR C 129 -7.53 34.04 6.35
C TYR C 129 -7.82 34.65 4.99
N THR C 130 -9.11 34.73 4.67
CA THR C 130 -9.55 35.13 3.34
C THR C 130 -10.41 36.37 3.44
N VAL C 131 -10.00 37.44 2.75
CA VAL C 131 -10.71 38.71 2.78
C VAL C 131 -10.87 39.23 1.37
N SER C 132 -11.92 39.99 1.12
CA SER C 132 -12.20 40.49 -0.22
C SER C 132 -12.78 41.91 -0.14
N TYR C 133 -12.77 42.59 -1.28
CA TYR C 133 -13.35 43.93 -1.37
C TYR C 133 -13.82 44.17 -2.80
N MET C 134 -15.05 44.68 -2.92
CA MET C 134 -15.69 44.90 -4.20
C MET C 134 -15.91 46.40 -4.46
N PHE C 135 -15.48 46.88 -5.62
CA PHE C 135 -15.69 48.28 -5.98
C PHE C 135 -16.18 48.50 -7.41
N ASN D 17 -51.07 13.29 -16.60
CA ASN D 17 -50.74 12.47 -15.45
C ASN D 17 -49.27 12.67 -15.07
N GLN D 18 -48.92 12.57 -13.79
CA GLN D 18 -47.62 13.06 -13.32
C GLN D 18 -46.55 12.01 -13.17
N ALA D 19 -46.90 10.74 -12.90
CA ALA D 19 -45.90 9.69 -13.06
C ALA D 19 -45.36 9.68 -14.48
N GLN D 20 -46.25 9.92 -15.46
CA GLN D 20 -45.81 9.95 -16.85
C GLN D 20 -44.78 11.06 -17.08
N GLU D 21 -44.98 12.22 -16.47
CA GLU D 21 -44.05 13.32 -16.70
C GLU D 21 -42.75 13.11 -15.94
N LEU D 22 -42.80 12.61 -14.70
CA LEU D 22 -41.56 12.34 -13.97
C LEU D 22 -40.69 11.33 -14.70
N ASN D 23 -41.31 10.22 -15.14
CA ASN D 23 -40.56 9.20 -15.85
C ASN D 23 -40.02 9.71 -17.18
N HIS D 24 -40.82 10.49 -17.91
CA HIS D 24 -40.34 11.15 -19.12
C HIS D 24 -39.04 11.92 -18.84
N GLU D 25 -39.07 12.85 -17.86
CA GLU D 25 -37.90 13.67 -17.60
C GLU D 25 -36.70 12.81 -17.21
N LEU D 26 -36.92 11.83 -16.32
CA LEU D 26 -35.81 11.02 -15.85
C LEU D 26 -35.20 10.21 -16.99
N GLU D 27 -36.04 9.56 -17.81
CA GLU D 27 -35.44 8.73 -18.84
C GLU D 27 -34.66 9.59 -19.83
N LEU D 28 -35.10 10.84 -20.08
CA LEU D 28 -34.25 11.62 -20.97
C LEU D 28 -33.00 12.11 -20.28
N GLU D 29 -33.01 12.25 -18.95
CA GLU D 29 -31.76 12.55 -18.29
C GLU D 29 -30.81 11.35 -18.36
N GLN D 30 -31.34 10.14 -18.28
CA GLN D 30 -30.47 8.98 -18.39
C GLN D 30 -29.89 8.85 -19.79
N LEU D 31 -30.70 9.12 -20.82
CA LEU D 31 -30.18 9.07 -22.19
C LEU D 31 -29.07 10.09 -22.41
N GLU D 32 -29.20 11.30 -21.87
CA GLU D 32 -28.25 12.37 -22.15
C GLU D 32 -27.06 12.43 -21.21
N THR D 33 -26.91 11.47 -20.29
CA THR D 33 -25.80 11.48 -19.34
C THR D 33 -24.70 10.53 -19.81
N LYS D 34 -23.46 11.02 -19.82
CA LYS D 34 -22.32 10.19 -20.19
C LYS D 34 -21.07 10.72 -19.50
N ILE D 35 -20.28 9.83 -18.88
CA ILE D 35 -19.01 10.21 -18.26
C ILE D 35 -17.93 9.23 -18.71
N THR D 36 -16.68 9.74 -18.72
CA THR D 36 -15.51 8.96 -19.09
C THR D 36 -14.34 9.36 -18.20
N VAL D 37 -13.35 8.48 -18.13
CA VAL D 37 -12.17 8.67 -17.29
C VAL D 37 -11.02 9.08 -18.19
N SER D 38 -10.51 10.31 -18.01
CA SER D 38 -9.37 10.81 -18.79
C SER D 38 -8.06 10.20 -18.33
N SER D 39 -7.86 10.08 -17.02
CA SER D 39 -6.55 9.73 -16.48
C SER D 39 -6.71 9.33 -15.02
N VAL D 40 -5.82 8.47 -14.55
CA VAL D 40 -5.83 8.00 -13.18
C VAL D 40 -4.42 8.07 -12.65
N SER D 41 -4.26 8.49 -11.40
CA SER D 41 -2.93 8.65 -10.86
C SER D 41 -2.97 8.47 -9.36
N LEU D 42 -1.92 7.85 -8.80
CA LEU D 42 -1.93 7.44 -7.40
C LEU D 42 -0.84 8.17 -6.65
N THR D 43 -1.15 8.57 -5.41
CA THR D 43 -0.18 9.17 -4.50
C THR D 43 -0.48 8.64 -3.11
N GLY D 44 0.41 7.83 -2.55
CA GLY D 44 0.20 7.27 -1.23
C GLY D 44 -1.02 6.37 -1.24
N SER D 45 -2.00 6.70 -0.39
CA SER D 45 -3.27 6.00 -0.36
C SER D 45 -4.38 6.77 -1.06
N THR D 46 -4.06 7.87 -1.74
CA THR D 46 -5.09 8.71 -2.34
C THR D 46 -5.03 8.54 -3.85
N LEU D 47 -6.18 8.22 -4.42
CA LEU D 47 -6.34 7.96 -5.84
C LEU D 47 -7.02 9.17 -6.47
N ASN D 48 -6.47 9.66 -7.57
CA ASN D 48 -7.00 10.84 -8.27
C ASN D 48 -7.45 10.43 -9.65
N VAL D 49 -8.75 10.51 -9.89
CA VAL D 49 -9.36 10.16 -11.18
C VAL D 49 -9.82 11.45 -11.83
N VAL D 50 -9.47 11.64 -13.10
CA VAL D 50 -9.88 12.84 -13.81
C VAL D 50 -11.08 12.44 -14.66
N LEU D 51 -12.24 12.92 -14.26
CA LEU D 51 -13.51 12.58 -14.87
C LEU D 51 -13.91 13.66 -15.85
N GLU D 52 -14.49 13.26 -16.97
CA GLU D 52 -14.86 14.22 -18.00
C GLU D 52 -16.33 14.02 -18.30
N ASN D 53 -17.09 15.11 -18.36
CA ASN D 53 -18.54 15.01 -18.57
C ASN D 53 -18.79 15.18 -20.07
N ASN D 54 -19.11 14.07 -20.72
CA ASN D 54 -19.33 14.01 -22.17
C ASN D 54 -20.79 14.01 -22.54
N GLY D 55 -21.69 14.24 -21.60
CA GLY D 55 -23.10 14.26 -21.87
C GLY D 55 -23.61 15.68 -22.00
N SER D 56 -24.93 15.83 -21.92
CA SER D 56 -25.54 17.14 -21.97
C SER D 56 -26.31 17.46 -20.68
N THR D 57 -26.11 16.69 -19.62
CA THR D 57 -26.65 16.99 -18.30
C THR D 57 -25.54 17.53 -17.40
N ASN D 58 -25.93 18.44 -16.50
CA ASN D 58 -25.03 18.82 -15.42
C ASN D 58 -25.01 17.72 -14.37
N LEU D 59 -23.83 17.47 -13.80
CA LEU D 59 -23.68 16.52 -12.70
C LEU D 59 -23.26 17.25 -11.43
N TYR D 60 -24.01 17.03 -10.35
CA TYR D 60 -23.80 17.75 -9.09
C TYR D 60 -24.34 16.99 -7.89
N ASP D 61 -25.30 16.07 -8.08
CA ASP D 61 -25.87 15.33 -6.96
C ASP D 61 -24.94 14.18 -6.58
N PHE D 62 -23.76 14.55 -6.06
CA PHE D 62 -22.72 13.55 -5.80
C PHE D 62 -23.06 12.60 -4.66
N GLN D 63 -23.99 12.98 -3.77
CA GLN D 63 -24.39 12.03 -2.74
C GLN D 63 -24.97 10.78 -3.38
N GLY D 64 -25.60 10.93 -4.54
CA GLY D 64 -26.24 9.86 -5.27
C GLY D 64 -25.38 9.16 -6.28
N PHE D 65 -24.12 9.58 -6.41
CA PHE D 65 -23.15 8.81 -7.18
C PHE D 65 -22.81 7.53 -6.44
N SER D 66 -22.07 6.67 -7.14
CA SER D 66 -21.37 5.55 -6.55
C SER D 66 -19.93 5.62 -6.98
N VAL D 67 -19.04 5.31 -6.06
CA VAL D 67 -17.63 5.13 -6.32
C VAL D 67 -17.24 3.83 -5.66
N ILE D 68 -16.91 2.83 -6.45
CA ILE D 68 -16.56 1.50 -5.96
C ILE D 68 -15.16 1.20 -6.46
N VAL D 69 -14.29 0.74 -5.57
CA VAL D 69 -12.94 0.37 -5.98
C VAL D 69 -12.67 -1.05 -5.56
N GLN D 70 -12.15 -1.84 -6.51
CA GLN D 70 -11.59 -3.15 -6.23
C GLN D 70 -10.11 -3.10 -6.56
N TYR D 71 -9.27 -3.28 -5.54
CA TYR D 71 -7.84 -3.16 -5.76
C TYR D 71 -7.13 -4.09 -4.81
N TYR D 72 -5.80 -4.18 -4.94
CA TYR D 72 -4.98 -5.02 -4.09
C TYR D 72 -4.18 -4.13 -3.13
N ALA D 73 -4.56 -4.16 -1.86
CA ALA D 73 -3.88 -3.38 -0.83
C ALA D 73 -2.58 -4.05 -0.43
N ASN D 74 -1.66 -3.24 0.06
CA ASN D 74 -0.40 -3.70 0.66
C ASN D 74 -0.58 -3.71 2.18
N ILE D 75 -0.92 -4.88 2.72
CA ILE D 75 -1.04 -5.08 4.16
C ILE D 75 0.16 -5.90 4.62
N SER D 76 1.12 -5.24 5.28
CA SER D 76 2.30 -5.93 5.82
C SER D 76 3.02 -6.73 4.74
N ASN D 77 3.23 -6.08 3.59
CA ASN D 77 3.90 -6.67 2.44
C ASN D 77 3.18 -7.88 1.89
N ILE D 78 1.93 -8.06 2.26
CA ILE D 78 1.07 -9.05 1.61
C ILE D 78 0.03 -8.32 0.77
N SER D 79 -0.07 -8.73 -0.49
CA SER D 79 -1.01 -8.13 -1.43
C SER D 79 -2.37 -8.75 -1.20
N THR D 80 -3.34 -7.93 -0.79
CA THR D 80 -4.63 -8.40 -0.31
C THR D 80 -5.79 -7.73 -1.04
N PHE D 81 -6.69 -8.54 -1.57
CA PHE D 81 -7.87 -8.05 -2.26
C PHE D 81 -8.68 -7.12 -1.36
N ASN D 82 -9.18 -6.04 -1.94
CA ASN D 82 -10.05 -5.09 -1.25
C ASN D 82 -11.13 -4.62 -2.19
N LEU D 83 -12.37 -4.64 -1.73
CA LEU D 83 -13.51 -4.16 -2.49
C LEU D 83 -14.33 -3.26 -1.59
N SER D 84 -14.54 -2.01 -2.00
CA SER D 84 -15.27 -1.12 -1.09
C SER D 84 -16.06 -0.06 -1.85
N LEU D 85 -17.18 0.34 -1.24
CA LEU D 85 -17.88 1.54 -1.63
C LEU D 85 -17.33 2.75 -0.87
N TYR D 86 -17.17 3.86 -1.59
CA TYR D 86 -16.73 5.14 -1.01
C TYR D 86 -17.87 6.15 -1.11
N ASN D 87 -18.13 6.87 -0.03
CA ASN D 87 -19.19 7.87 -0.04
C ASN D 87 -18.62 9.27 -0.25
N TYR D 88 -19.44 10.12 -0.86
CA TYR D 88 -19.06 11.50 -1.13
C TYR D 88 -19.02 12.32 0.14
N THR D 89 -18.08 13.26 0.21
CA THR D 89 -18.07 14.24 1.28
C THR D 89 -17.61 15.58 0.75
N LYS D 90 -18.16 16.66 1.33
CA LYS D 90 -17.62 18.00 1.06
C LYS D 90 -16.41 18.29 1.91
N ASN D 91 -16.22 17.55 3.00
CA ASN D 91 -15.06 17.68 3.84
C ASN D 91 -13.77 17.72 3.02
N SER D 92 -12.96 18.73 3.27
CA SER D 92 -11.72 18.92 2.54
C SER D 92 -10.62 17.98 3.02
N ASN D 93 -10.82 17.34 4.16
CA ASN D 93 -9.89 16.37 4.73
C ASN D 93 -10.60 15.03 4.88
N PRO D 94 -10.82 14.31 3.77
CA PRO D 94 -11.65 13.11 3.87
C PRO D 94 -10.90 11.92 4.44
N SER D 95 -11.63 11.13 5.22
CA SER D 95 -11.17 9.88 5.82
C SER D 95 -11.13 8.76 4.77
N PRO D 96 -10.53 7.62 5.08
CA PRO D 96 -10.63 6.47 4.17
C PRO D 96 -12.07 6.04 4.02
N TYR D 97 -12.39 5.51 2.82
CA TYR D 97 -13.75 5.14 2.39
C TYR D 97 -14.59 6.36 2.06
N TYR D 98 -13.95 7.47 1.70
CA TYR D 98 -14.63 8.69 1.28
C TYR D 98 -13.96 9.24 0.04
N TRP D 99 -14.69 10.05 -0.69
CA TRP D 99 -14.12 10.74 -1.84
C TRP D 99 -14.69 12.15 -1.92
N THR D 100 -13.97 12.99 -2.64
CA THR D 100 -14.34 14.39 -2.77
C THR D 100 -14.05 14.79 -4.21
N ILE D 101 -14.56 15.94 -4.64
CA ILE D 101 -14.34 16.39 -6.02
C ILE D 101 -14.14 17.90 -6.01
N ASN D 102 -13.23 18.39 -6.84
CA ASN D 102 -12.82 19.79 -6.79
C ASN D 102 -13.67 20.71 -7.69
N THR D 103 -14.98 20.51 -7.73
CA THR D 103 -15.90 21.40 -8.41
C THR D 103 -17.26 21.21 -7.74
N PRO D 104 -18.10 22.25 -7.71
CA PRO D 104 -19.45 22.04 -7.20
C PRO D 104 -20.41 21.51 -8.26
N LEU D 105 -20.06 21.62 -9.54
CA LEU D 105 -20.98 21.23 -10.60
C LEU D 105 -20.12 20.91 -11.82
N LEU D 106 -20.24 19.70 -12.34
CA LEU D 106 -19.44 19.29 -13.48
C LEU D 106 -20.32 19.42 -14.72
N ALA D 107 -20.07 20.46 -15.52
CA ALA D 107 -20.93 20.79 -16.65
C ALA D 107 -20.50 20.04 -17.92
N PRO D 108 -21.40 19.93 -18.91
CA PRO D 108 -21.02 19.30 -20.18
C PRO D 108 -19.77 19.95 -20.76
N GLY D 109 -18.80 19.11 -21.12
CA GLY D 109 -17.55 19.57 -21.65
C GLY D 109 -16.47 19.78 -20.61
N SER D 110 -16.83 19.91 -19.33
CA SER D 110 -15.84 20.16 -18.30
C SER D 110 -15.18 18.86 -17.83
N GLN D 111 -14.13 19.02 -17.04
CA GLN D 111 -13.43 17.95 -16.36
C GLN D 111 -13.33 18.30 -14.89
N ALA D 112 -13.10 17.29 -14.06
CA ALA D 112 -12.85 17.56 -12.65
C ALA D 112 -12.04 16.40 -12.10
N THR D 113 -11.36 16.66 -11.00
CA THR D 113 -10.55 15.65 -10.35
C THR D 113 -11.29 15.14 -9.12
N LEU D 114 -11.50 13.84 -9.10
CA LEU D 114 -12.13 13.11 -8.02
C LEU D 114 -11.03 12.51 -7.16
N THR D 115 -11.08 12.74 -5.84
CA THR D 115 -10.05 12.28 -4.92
C THR D 115 -10.65 11.21 -4.01
N ILE D 116 -10.08 10.01 -4.06
CA ILE D 116 -10.60 8.84 -3.34
C ILE D 116 -9.58 8.40 -2.29
N ILE D 117 -10.02 8.27 -1.04
CA ILE D 117 -9.10 7.96 0.05
C ILE D 117 -9.23 6.47 0.31
N LEU D 118 -8.28 5.71 -0.23
CA LEU D 118 -8.20 4.27 -0.02
C LEU D 118 -7.76 3.96 1.41
N PRO D 119 -8.17 2.81 1.96
CA PRO D 119 -7.79 2.49 3.35
C PRO D 119 -6.35 1.99 3.51
N TYR D 120 -5.68 1.56 2.43
CA TYR D 120 -4.29 1.13 2.45
C TYR D 120 -3.65 1.52 1.14
N PRO D 121 -2.35 1.72 1.11
CA PRO D 121 -1.67 1.99 -0.17
C PRO D 121 -1.73 0.77 -1.05
N PRO D 122 -1.93 0.93 -2.35
CA PRO D 122 -1.93 -0.22 -3.26
C PRO D 122 -0.59 -0.93 -3.27
N TYR D 123 -0.63 -2.25 -3.38
CA TYR D 123 0.55 -3.03 -3.66
C TYR D 123 1.06 -2.74 -5.07
N PRO D 124 2.36 -2.63 -5.27
CA PRO D 124 2.88 -2.14 -6.54
C PRO D 124 2.54 -3.06 -7.72
N ASN D 125 2.29 -2.45 -8.87
CA ASN D 125 2.01 -3.13 -10.14
C ASN D 125 0.99 -4.26 -9.97
N THR D 126 -0.11 -3.95 -9.31
CA THR D 126 -1.27 -4.83 -9.20
C THR D 126 -2.43 -4.17 -9.92
N GLN D 127 -3.32 -4.99 -10.49
CA GLN D 127 -4.41 -4.41 -11.27
C GLN D 127 -5.56 -3.97 -10.35
N ALA D 128 -6.36 -3.03 -10.85
CA ALA D 128 -7.44 -2.42 -10.10
C ALA D 128 -8.60 -2.10 -11.03
N THR D 129 -9.78 -2.06 -10.45
CA THR D 129 -11.02 -1.70 -11.12
C THR D 129 -11.68 -0.55 -10.35
N VAL D 130 -12.01 0.53 -11.07
CA VAL D 130 -12.68 1.69 -10.51
C VAL D 130 -14.01 1.92 -11.22
N VAL D 131 -15.10 1.91 -10.46
CA VAL D 131 -16.43 2.09 -11.01
C VAL D 131 -17.00 3.40 -10.49
N ILE D 132 -17.37 4.30 -11.41
CA ILE D 132 -17.97 5.59 -11.07
C ILE D 132 -19.35 5.68 -11.70
N VAL D 133 -20.39 5.78 -10.86
CA VAL D 133 -21.80 5.78 -11.29
C VAL D 133 -22.41 7.15 -11.02
N THR D 134 -22.93 7.79 -12.06
CA THR D 134 -23.65 9.04 -11.85
C THR D 134 -24.94 8.76 -11.09
N ASN D 135 -25.50 9.84 -10.53
CA ASN D 135 -26.76 9.71 -9.79
C ASN D 135 -27.91 9.32 -10.70
N TYR D 136 -27.76 9.50 -12.02
CA TYR D 136 -28.83 9.15 -12.94
C TYR D 136 -28.79 7.69 -13.34
N GLY D 137 -27.66 7.02 -13.17
CA GLY D 137 -27.53 5.64 -13.57
C GLY D 137 -26.32 5.34 -14.43
N PRO D 138 -26.13 6.08 -15.54
CA PRO D 138 -24.97 5.82 -16.41
C PRO D 138 -23.64 5.93 -15.66
N SER D 139 -22.70 5.06 -16.02
CA SER D 139 -21.48 4.87 -15.24
C SER D 139 -20.29 4.73 -16.16
N VAL D 140 -19.13 4.50 -15.56
CA VAL D 140 -17.87 4.28 -16.28
C VAL D 140 -17.02 3.33 -15.44
N ILE D 141 -16.37 2.36 -16.10
CA ILE D 141 -15.49 1.39 -15.47
C ILE D 141 -14.10 1.58 -16.04
N TRP D 142 -13.13 1.72 -15.15
CA TRP D 142 -11.73 1.86 -15.53
C TRP D 142 -10.96 0.68 -14.96
N ARG D 143 -10.14 0.04 -15.79
CA ARG D 143 -9.32 -1.08 -15.36
C ARG D 143 -7.87 -0.78 -15.69
N GLY D 144 -6.98 -0.97 -14.74
CA GLY D 144 -5.61 -0.59 -14.95
C GLY D 144 -4.72 -1.08 -13.83
N SER D 145 -3.55 -0.47 -13.69
CA SER D 145 -2.57 -0.93 -12.72
C SER D 145 -2.22 0.17 -11.72
N LEU D 146 -2.06 -0.22 -10.46
CA LEU D 146 -1.72 0.73 -9.41
C LEU D 146 -0.49 0.26 -8.64
C1 PEG E . 1.46 -26.02 6.58
O1 PEG E . 1.80 -25.37 5.40
C2 PEG E . 2.45 -27.18 6.81
O2 PEG E . 2.19 -27.91 8.01
C3 PEG E . 2.93 -29.09 8.16
C4 PEG E . 3.94 -29.00 9.32
O4 PEG E . 4.57 -30.24 9.56
C1 PEG F . 6.08 -8.44 19.15
O1 PEG F . 4.88 -8.67 19.85
C2 PEG F . 6.09 -7.09 18.41
O2 PEG F . 5.81 -7.24 17.02
C3 PEG F . 5.45 -6.05 16.33
C4 PEG F . 3.93 -5.98 16.14
O4 PEG F . 3.24 -6.91 16.96
NA NA G . 1.93 -8.32 19.53
C1 EDO H . -0.34 -38.65 -1.67
O1 EDO H . 0.45 -39.86 -1.73
C2 EDO H . 0.05 -37.75 -2.84
O2 EDO H . -0.30 -38.36 -4.09
C1 PEG I . 2.03 -9.30 -6.17
O1 PEG I . 2.65 -10.43 -6.73
C2 PEG I . 0.51 -9.45 -6.08
O2 PEG I . -0.11 -9.21 -7.34
C3 PEG I . -1.52 -9.34 -7.37
C4 PEG I . -2.04 -9.58 -8.80
O4 PEG I . -2.86 -8.54 -9.28
NA NA J . 26.73 -40.08 0.21
C1 PEG K . -0.19 55.64 0.19
O1 PEG K . -1.42 55.81 0.81
C2 PEG K . 0.83 54.95 1.13
O2 PEG K . 0.29 53.90 1.91
C3 PEG K . 1.15 53.21 2.80
C4 PEG K . 0.33 52.70 4.01
O4 PEG K . 1.06 51.82 4.84
C1 PEG L . -7.51 40.24 -14.20
O1 PEG L . -6.16 39.85 -14.46
C2 PEG L . -7.74 41.66 -14.71
O2 PEG L . -9.12 41.88 -14.95
C3 PEG L . -9.49 43.22 -15.16
C4 PEG L . -9.77 43.53 -16.63
O4 PEG L . -11.15 43.76 -16.85
NA NA M . -4.75 42.18 -16.50
C1 EDO N . -30.42 21.01 -14.86
O1 EDO N . -29.04 21.19 -15.26
C2 EDO N . -30.45 20.18 -13.57
O2 EDO N . -31.50 19.18 -13.57
N1 IMD O . -10.00 20.32 -13.26
C2 IMD O . -9.35 20.43 -12.08
N3 IMD O . -8.82 19.23 -11.76
C4 IMD O . -9.13 18.34 -12.74
C5 IMD O . -9.86 19.04 -13.69
N1 IMD P . -15.56 12.66 7.56
C2 IMD P . -14.29 12.68 7.06
N3 IMD P . -14.33 12.27 5.75
C4 IMD P . -15.62 12.00 5.46
C5 IMD P . -16.39 12.24 6.59
N1 IMD Q . -1.17 4.59 -12.13
C2 IMD Q . -2.18 4.28 -12.98
N3 IMD Q . -1.78 4.52 -14.26
C4 IMD Q . -0.51 4.97 -14.21
C5 IMD Q . -0.13 5.03 -12.87
C1 PEG R . -20.15 2.60 3.79
O1 PEG R . -21.37 3.01 3.23
C2 PEG R . -19.12 2.24 2.70
O2 PEG R . -17.81 2.04 3.20
C3 PEG R . -17.65 1.22 4.35
C4 PEG R . -16.51 0.21 4.17
O4 PEG R . -16.13 -0.36 5.40
#